data_1JUX
# 
_entry.id   1JUX 
# 
_audit_conform.dict_name       mmcif_pdbx.dic 
_audit_conform.dict_version    5.386 
_audit_conform.dict_location   http://mmcif.pdb.org/dictionaries/ascii/mmcif_pdbx.dic 
# 
loop_
_database_2.database_id 
_database_2.database_code 
_database_2.pdbx_database_accession 
_database_2.pdbx_DOI 
PDB   1JUX         pdb_00001jux 10.2210/pdb1jux/pdb 
NDB   DD0043       ?            ?                   
RCSB  RCSB014211   ?            ?                   
WWPDB D_1000014211 ?            ?                   
# 
loop_
_pdbx_audit_revision_history.ordinal 
_pdbx_audit_revision_history.data_content_type 
_pdbx_audit_revision_history.major_revision 
_pdbx_audit_revision_history.minor_revision 
_pdbx_audit_revision_history.revision_date 
1 'Structure model' 1 0 2004-01-27 
2 'Structure model' 1 1 2008-04-27 
3 'Structure model' 1 2 2011-07-13 
4 'Structure model' 1 3 2017-10-04 
5 'Structure model' 1 4 2024-02-07 
# 
_pdbx_audit_revision_details.ordinal             1 
_pdbx_audit_revision_details.revision_ordinal    1 
_pdbx_audit_revision_details.data_content_type   'Structure model' 
_pdbx_audit_revision_details.provider            repository 
_pdbx_audit_revision_details.type                'Initial release' 
_pdbx_audit_revision_details.description         ? 
_pdbx_audit_revision_details.details             ? 
# 
loop_
_pdbx_audit_revision_group.ordinal 
_pdbx_audit_revision_group.revision_ordinal 
_pdbx_audit_revision_group.data_content_type 
_pdbx_audit_revision_group.group 
1 2 'Structure model' 'Version format compliance' 
2 3 'Structure model' 'Version format compliance' 
3 4 'Structure model' 'Refinement description'    
4 5 'Structure model' 'Data collection'           
5 5 'Structure model' 'Database references'       
6 5 'Structure model' 'Derived calculations'      
# 
loop_
_pdbx_audit_revision_category.ordinal 
_pdbx_audit_revision_category.revision_ordinal 
_pdbx_audit_revision_category.data_content_type 
_pdbx_audit_revision_category.category 
1 4 'Structure model' software       
2 5 'Structure model' chem_comp_atom 
3 5 'Structure model' chem_comp_bond 
4 5 'Structure model' database_2     
5 5 'Structure model' struct_site    
# 
loop_
_pdbx_audit_revision_item.ordinal 
_pdbx_audit_revision_item.revision_ordinal 
_pdbx_audit_revision_item.data_content_type 
_pdbx_audit_revision_item.item 
1 5 'Structure model' '_database_2.pdbx_DOI'                
2 5 'Structure model' '_database_2.pdbx_database_accession' 
3 5 'Structure model' '_struct_site.pdbx_auth_asym_id'      
4 5 'Structure model' '_struct_site.pdbx_auth_comp_id'      
5 5 'Structure model' '_struct_site.pdbx_auth_seq_id'       
# 
_pdbx_database_status.status_code                     REL 
_pdbx_database_status.entry_id                        1JUX 
_pdbx_database_status.recvd_initial_deposition_date   2001-08-28 
_pdbx_database_status.deposit_site                    RCSB 
_pdbx_database_status.process_site                    RCSB 
_pdbx_database_status.status_code_sf                  REL 
_pdbx_database_status.SG_entry                        . 
_pdbx_database_status.pdb_format_compatible           Y 
_pdbx_database_status.status_code_mr                  ? 
_pdbx_database_status.status_code_cs                  ? 
_pdbx_database_status.methods_development_category    ? 
_pdbx_database_status.status_code_nmr_data            ? 
# 
_pdbx_database_related.db_name        PDB 
_pdbx_database_related.db_id          1JUZ 
_pdbx_database_related.details        'DNA octamer d(IUATATAC) and Distamycin' 
_pdbx_database_related.content_type   unspecified 
# 
loop_
_audit_author.name 
_audit_author.pdbx_ordinal 
'Deng, J.'          1 
'Pan, B.'           2 
'Sundaralingam, M.' 3 
# 
_citation.id                        primary 
_citation.title                     'Structure of d(ITITACAC) complexed with distamycin at 1.6 A resolution.' 
_citation.journal_abbrev            'Acta Crystallogr.,Sect.D' 
_citation.journal_volume            59 
_citation.page_first                2342 
_citation.page_last                 2344 
_citation.year                      2003 
_citation.journal_id_ASTM           ABCRE6 
_citation.country                   DK 
_citation.journal_id_ISSN           0907-4449 
_citation.journal_id_CSD            0766 
_citation.book_publisher            ? 
_citation.pdbx_database_id_PubMed   14646114 
_citation.pdbx_database_id_DOI      10.1107/S0907444903020730 
# 
loop_
_citation_author.citation_id 
_citation_author.name 
_citation_author.ordinal 
_citation_author.identifier_ORCID 
primary 'Deng, J.'          1 ? 
primary 'Pan, B.'           2 ? 
primary 'Sundaralingam, M.' 3 ? 
# 
loop_
_entity.id 
_entity.type 
_entity.src_method 
_entity.pdbx_description 
_entity.formula_weight 
_entity.pdbx_number_of_molecules 
_entity.pdbx_ec 
_entity.pdbx_mutation 
_entity.pdbx_fragment 
_entity.details 
1 polymer     syn "5'-D(*IP*TP*IP*TP*AP*CP*AP*C)-3'" 2396.589 1  ? ? ? 'Octamer DNA' 
2 non-polymer syn 'DISTAMYCIN A'                     481.508  1  ? ? ? ?             
3 water       nat water                              18.015   36 ? ? ? ?             
# 
_entity_poly.entity_id                      1 
_entity_poly.type                           polydeoxyribonucleotide 
_entity_poly.nstd_linkage                   no 
_entity_poly.nstd_monomer                   no 
_entity_poly.pdbx_seq_one_letter_code       '(DI)(DT)(DI)(DT)(DA)(DC)(DA)(DC)' 
_entity_poly.pdbx_seq_one_letter_code_can   ITITACAC 
_entity_poly.pdbx_strand_id                 A 
_entity_poly.pdbx_target_identifier         ? 
# 
loop_
_pdbx_entity_nonpoly.entity_id 
_pdbx_entity_nonpoly.name 
_pdbx_entity_nonpoly.comp_id 
2 'DISTAMYCIN A' DMY 
3 water          HOH 
# 
loop_
_entity_poly_seq.entity_id 
_entity_poly_seq.num 
_entity_poly_seq.mon_id 
_entity_poly_seq.hetero 
1 1 DI n 
1 2 DT n 
1 3 DI n 
1 4 DT n 
1 5 DA n 
1 6 DC n 
1 7 DA n 
1 8 DC n 
# 
loop_
_chem_comp.id 
_chem_comp.type 
_chem_comp.mon_nstd_flag 
_chem_comp.name 
_chem_comp.pdbx_synonyms 
_chem_comp.formula 
_chem_comp.formula_weight 
DA  'DNA linking' y "2'-DEOXYADENOSINE-5'-MONOPHOSPHATE" ?                         'C10 H14 N5 O6 P' 331.222 
DC  'DNA linking' y "2'-DEOXYCYTIDINE-5'-MONOPHOSPHATE"  ?                         'C9 H14 N3 O7 P'  307.197 
DI  'DNA linking' y "2'-DEOXYINOSINE-5'-MONOPHOSPHATE"   ?                         'C10 H13 N4 O7 P' 332.207 
DMY non-polymer   . 'DISTAMYCIN A'                       'DISTAMYCIN; STALLIMYCIN' 'C22 H27 N9 O4'   481.508 
DT  'DNA linking' y "THYMIDINE-5'-MONOPHOSPHATE"         ?                         'C10 H15 N2 O8 P' 322.208 
HOH non-polymer   . WATER                                ?                         'H2 O'            18.015  
# 
loop_
_pdbx_poly_seq_scheme.asym_id 
_pdbx_poly_seq_scheme.entity_id 
_pdbx_poly_seq_scheme.seq_id 
_pdbx_poly_seq_scheme.mon_id 
_pdbx_poly_seq_scheme.ndb_seq_num 
_pdbx_poly_seq_scheme.pdb_seq_num 
_pdbx_poly_seq_scheme.auth_seq_num 
_pdbx_poly_seq_scheme.pdb_mon_id 
_pdbx_poly_seq_scheme.auth_mon_id 
_pdbx_poly_seq_scheme.pdb_strand_id 
_pdbx_poly_seq_scheme.pdb_ins_code 
_pdbx_poly_seq_scheme.hetero 
A 1 1 DI 1 1 1 DI INO A . n 
A 1 2 DT 2 2 2 DT THY A . n 
A 1 3 DI 3 3 3 DI INO A . n 
A 1 4 DT 4 4 4 DT THY A . n 
A 1 5 DA 5 5 5 DA ADE A . n 
A 1 6 DC 6 6 6 DC CYT A . n 
A 1 7 DA 7 7 7 DA ADE A . n 
A 1 8 DC 8 8 8 DC CYT A . n 
# 
loop_
_pdbx_nonpoly_scheme.asym_id 
_pdbx_nonpoly_scheme.entity_id 
_pdbx_nonpoly_scheme.mon_id 
_pdbx_nonpoly_scheme.ndb_seq_num 
_pdbx_nonpoly_scheme.pdb_seq_num 
_pdbx_nonpoly_scheme.auth_seq_num 
_pdbx_nonpoly_scheme.pdb_mon_id 
_pdbx_nonpoly_scheme.auth_mon_id 
_pdbx_nonpoly_scheme.pdb_strand_id 
_pdbx_nonpoly_scheme.pdb_ins_code 
B 2 DMY 1  45 45 DMY DMA A . 
C 3 HOH 1  9  9  HOH HOH A . 
C 3 HOH 2  10 10 HOH HOH A . 
C 3 HOH 3  11 11 HOH HOH A . 
C 3 HOH 4  12 12 HOH HOH A . 
C 3 HOH 5  13 13 HOH HOH A . 
C 3 HOH 6  14 14 HOH HOH A . 
C 3 HOH 7  15 15 HOH HOH A . 
C 3 HOH 8  16 16 HOH HOH A . 
C 3 HOH 9  17 17 HOH HOH A . 
C 3 HOH 10 18 18 HOH HOH A . 
C 3 HOH 11 19 19 HOH HOH A . 
C 3 HOH 12 20 20 HOH HOH A . 
C 3 HOH 13 21 21 HOH HOH A . 
C 3 HOH 14 22 22 HOH HOH A . 
C 3 HOH 15 23 23 HOH HOH A . 
C 3 HOH 16 24 24 HOH HOH A . 
C 3 HOH 17 25 25 HOH HOH A . 
C 3 HOH 18 26 26 HOH HOH A . 
C 3 HOH 19 27 27 HOH HOH A . 
C 3 HOH 20 28 28 HOH HOH A . 
C 3 HOH 21 29 29 HOH HOH A . 
C 3 HOH 22 30 30 HOH HOH A . 
C 3 HOH 23 31 31 HOH HOH A . 
C 3 HOH 24 32 32 HOH HOH A . 
C 3 HOH 25 33 33 HOH HOH A . 
C 3 HOH 26 34 34 HOH HOH A . 
C 3 HOH 27 35 35 HOH HOH A . 
C 3 HOH 28 36 36 HOH HOH A . 
C 3 HOH 29 37 37 HOH HOH A . 
C 3 HOH 30 38 38 HOH HOH A . 
C 3 HOH 31 39 39 HOH HOH A . 
C 3 HOH 32 40 40 HOH HOH A . 
C 3 HOH 33 41 41 HOH HOH A . 
C 3 HOH 34 42 42 HOH HOH A . 
C 3 HOH 35 43 43 HOH HOH A . 
C 3 HOH 36 44 44 HOH HOH A . 
# 
loop_
_software.name 
_software.classification 
_software.version 
_software.citation_id 
_software.pdbx_ordinal 
AMoRE phasing    . ? 1 
CNS   refinement . ? 2 
# 
_cell.entry_id           1JUX 
_cell.length_a           33.260 
_cell.length_b           25.050 
_cell.length_c           28.300 
_cell.angle_alpha        90.00 
_cell.angle_beta         124.23 
_cell.angle_gamma        90.00 
_cell.Z_PDB              4 
_cell.pdbx_unique_axis   ? 
# 
_symmetry.entry_id                         1JUX 
_symmetry.space_group_name_H-M             'C 1 2 1' 
_symmetry.pdbx_full_space_group_name_H-M   ? 
_symmetry.cell_setting                     ? 
_symmetry.Int_Tables_number                5 
# 
_exptl.entry_id          1JUX 
_exptl.method            'X-RAY DIFFRACTION' 
_exptl.crystals_number   1 
# 
_exptl_crystal.id                    1 
_exptl_crystal.density_meas          ? 
_exptl_crystal.density_Matthews      1.96 
_exptl_crystal.density_percent_sol   37.09 
_exptl_crystal.description           ? 
# 
_diffrn.id                     1 
_diffrn.ambient_temp           298 
_diffrn.ambient_temp_details   ? 
_diffrn.crystal_id             1 
# 
_diffrn_detector.diffrn_id              1 
_diffrn_detector.detector               'IMAGE PLATE' 
_diffrn_detector.type                   'RIGAKU RAXIS IIC' 
_diffrn_detector.pdbx_collection_date   1997-06-20 
_diffrn_detector.details                ? 
# 
_diffrn_radiation.diffrn_id                        1 
_diffrn_radiation.wavelength_id                    1 
_diffrn_radiation.pdbx_monochromatic_or_laue_m_l   M 
_diffrn_radiation.monochromator                    graphite 
_diffrn_radiation.pdbx_diffrn_protocol             'SINGLE WAVELENGTH' 
_diffrn_radiation.pdbx_scattering_type             x-ray 
# 
_diffrn_radiation_wavelength.id           1 
_diffrn_radiation_wavelength.wavelength   1.5418 
_diffrn_radiation_wavelength.wt           1.0 
# 
_diffrn_source.diffrn_id                   1 
_diffrn_source.source                      'ROTATING ANODE' 
_diffrn_source.type                        'RIGAKU RU200' 
_diffrn_source.pdbx_synchrotron_site       ? 
_diffrn_source.pdbx_synchrotron_beamline   ? 
_diffrn_source.pdbx_wavelength             ? 
_diffrn_source.pdbx_wavelength_list        1.5418 
# 
_reflns.entry_id                     1JUX 
_reflns.number_all                   2609 
_reflns.number_obs                   2468 
_reflns.percent_possible_obs         ? 
_reflns.observed_criterion_sigma_F   2.000 
_reflns.observed_criterion_sigma_I   ? 
_reflns.d_resolution_high            1.60 
_reflns.d_resolution_low             10.00 
_reflns.pdbx_Rmerge_I_obs            ? 
_reflns.pdbx_Rsym_value              ? 
_reflns.pdbx_netI_over_sigmaI        ? 
_reflns.B_iso_Wilson_estimate        ? 
_reflns.pdbx_redundancy              ? 
_reflns.R_free_details               ? 
_reflns.pdbx_diffrn_id               1 
_reflns.pdbx_ordinal                 1 
# 
_refine.entry_id                                 1JUX 
_refine.ls_number_reflns_obs                     2468 
_refine.ls_number_reflns_all                     2609 
_refine.pdbx_ls_sigma_I                          ? 
_refine.pdbx_ls_sigma_F                          2 
_refine.pdbx_data_cutoff_high_absF               ? 
_refine.pdbx_data_cutoff_low_absF                ? 
_refine.ls_d_res_low                             10 
_refine.ls_d_res_high                            1.6 
_refine.ls_percent_reflns_obs                    94.6 
_refine.ls_R_factor_obs                          ? 
_refine.ls_R_factor_all                          ? 
_refine.ls_R_factor_R_work                       0.149 
_refine.ls_R_factor_R_free                       0.179 
_refine.ls_R_factor_R_free_error                 ? 
_refine.ls_R_factor_R_free_error_details         ? 
_refine.ls_percent_reflns_R_free                 ? 
_refine.ls_number_reflns_R_free                  234 
_refine.ls_number_parameters                     ? 
_refine.ls_number_restraints                     ? 
_refine.occupancy_min                            ? 
_refine.occupancy_max                            ? 
_refine.B_iso_mean                               ? 
_refine.aniso_B[1][1]                            ? 
_refine.aniso_B[2][2]                            ? 
_refine.aniso_B[3][3]                            ? 
_refine.aniso_B[1][2]                            ? 
_refine.aniso_B[1][3]                            ? 
_refine.aniso_B[2][3]                            ? 
_refine.solvent_model_details                    ? 
_refine.solvent_model_param_ksol                 ? 
_refine.solvent_model_param_bsol                 ? 
_refine.pdbx_ls_cross_valid_method               ? 
_refine.details                                  ? 
_refine.pdbx_starting_model                      ? 
_refine.pdbx_method_to_determine_struct          'MOLECULAR REPLACEMENT' 
_refine.pdbx_isotropic_thermal_model             ? 
_refine.pdbx_stereochemistry_target_values       ? 
_refine.pdbx_stereochem_target_val_spec_case     ? 
_refine.pdbx_R_Free_selection_details            random 
_refine.pdbx_overall_ESU_R_Free                  ? 
_refine.overall_SU_B                             ? 
_refine.ls_redundancy_reflns_obs                 ? 
_refine.correlation_coeff_Fo_to_Fc               ? 
_refine.correlation_coeff_Fo_to_Fc_free          ? 
_refine.overall_SU_R_Cruickshank_DPI             ? 
_refine.overall_SU_R_free                        ? 
_refine.overall_SU_ML                            ? 
_refine.pdbx_overall_ESU_R                       ? 
_refine.pdbx_data_cutoff_high_rms_absF           ? 
_refine.pdbx_solvent_vdw_probe_radii             ? 
_refine.pdbx_solvent_ion_probe_radii             ? 
_refine.pdbx_solvent_shrinkage_radii             ? 
_refine.pdbx_refine_id                           'X-RAY DIFFRACTION' 
_refine.pdbx_diffrn_id                           1 
_refine.pdbx_TLS_residual_ADP_flag               ? 
_refine.pdbx_overall_phase_error                 ? 
_refine.pdbx_overall_SU_R_free_Cruickshank_DPI   ? 
_refine.pdbx_overall_SU_R_Blow_DPI               ? 
_refine.pdbx_overall_SU_R_free_Blow_DPI          ? 
# 
_refine_hist.pdbx_refine_id                   'X-RAY DIFFRACTION' 
_refine_hist.cycle_id                         LAST 
_refine_hist.pdbx_number_atoms_protein        0 
_refine_hist.pdbx_number_atoms_nucleic_acid   159 
_refine_hist.pdbx_number_atoms_ligand         35 
_refine_hist.number_atoms_solvent             36 
_refine_hist.number_atoms_total               230 
_refine_hist.d_res_high                       1.6 
_refine_hist.d_res_low                        10 
# 
_struct.entry_id                  1JUX 
_struct.title                     
'1.6A Resolution Crystal Structures of the DNA Octamers d(IUATATAC) and d(ITITACAC):Binding of Two Distamycin Drugs Side-by-Side' 
_struct.pdbx_model_details        ? 
_struct.pdbx_CASP_flag            ? 
_struct.pdbx_model_type_details   ? 
# 
_struct_keywords.entry_id        1JUX 
_struct_keywords.pdbx_keywords   DNA 
_struct_keywords.text            'DNA, Octamer, Distamycin, Side-by-Side' 
# 
loop_
_struct_asym.id 
_struct_asym.pdbx_blank_PDB_chainid_flag 
_struct_asym.pdbx_modified 
_struct_asym.entity_id 
_struct_asym.details 
A N N 1 ? 
B N N 2 ? 
C N N 3 ? 
# 
_struct_ref.id                         1 
_struct_ref.entity_id                  1 
_struct_ref.db_name                    PDB 
_struct_ref.db_code                    1JUX 
_struct_ref.pdbx_db_accession          1JUX 
_struct_ref.pdbx_db_isoform            ? 
_struct_ref.pdbx_seq_one_letter_code   ? 
_struct_ref.pdbx_align_begin           ? 
# 
_struct_ref_seq.align_id                      1 
_struct_ref_seq.ref_id                        1 
_struct_ref_seq.pdbx_PDB_id_code              1JUX 
_struct_ref_seq.pdbx_strand_id                A 
_struct_ref_seq.seq_align_beg                 1 
_struct_ref_seq.pdbx_seq_align_beg_ins_code   ? 
_struct_ref_seq.seq_align_end                 8 
_struct_ref_seq.pdbx_seq_align_end_ins_code   ? 
_struct_ref_seq.pdbx_db_accession             1JUX 
_struct_ref_seq.db_align_beg                  1 
_struct_ref_seq.pdbx_db_align_beg_ins_code    ? 
_struct_ref_seq.db_align_end                  8 
_struct_ref_seq.pdbx_db_align_end_ins_code    ? 
_struct_ref_seq.pdbx_auth_seq_align_beg       1 
_struct_ref_seq.pdbx_auth_seq_align_end       8 
# 
_pdbx_struct_assembly.id                   1 
_pdbx_struct_assembly.details              author_defined_assembly 
_pdbx_struct_assembly.method_details       ? 
_pdbx_struct_assembly.oligomeric_details   dimeric 
_pdbx_struct_assembly.oligomeric_count     2 
# 
_pdbx_struct_assembly_gen.assembly_id       1 
_pdbx_struct_assembly_gen.oper_expression   1,2 
_pdbx_struct_assembly_gen.asym_id_list      A,B,C 
# 
loop_
_pdbx_struct_oper_list.id 
_pdbx_struct_oper_list.type 
_pdbx_struct_oper_list.name 
_pdbx_struct_oper_list.symmetry_operation 
_pdbx_struct_oper_list.matrix[1][1] 
_pdbx_struct_oper_list.matrix[1][2] 
_pdbx_struct_oper_list.matrix[1][3] 
_pdbx_struct_oper_list.vector[1] 
_pdbx_struct_oper_list.matrix[2][1] 
_pdbx_struct_oper_list.matrix[2][2] 
_pdbx_struct_oper_list.matrix[2][3] 
_pdbx_struct_oper_list.vector[2] 
_pdbx_struct_oper_list.matrix[3][1] 
_pdbx_struct_oper_list.matrix[3][2] 
_pdbx_struct_oper_list.matrix[3][3] 
_pdbx_struct_oper_list.vector[3] 
1 'identity operation'         1_555 x,y,z   1.0000000000  0.0000000000 0.0000000000 0.0000000000 0.0000000000 1.0000000000 0.0000000000 0.0000000000  0.0000000000 0.0000000000 1.0000000000  0.0000000000 
2 'crystal symmetry operation' 2_555 -x,y,-z -0.9436648166 0.3307409815 0.0103497360 1.4316885471 0.3307409815 0.9417633932 0.0607627711 -0.3322563178 0.0103497360 0.0607627711 -0.9980985766 2.8248395629 
# 
_struct_biol.id                    1 
_struct_biol.details               
;One strand in the assymetric unit. 
The duplex is generated by the 
2 fold axis.
;
_struct_biol.pdbx_parent_biol_id   ? 
# 
loop_
_struct_conn.id 
_struct_conn.conn_type_id 
_struct_conn.pdbx_leaving_atom_flag 
_struct_conn.pdbx_PDB_id 
_struct_conn.ptnr1_label_asym_id 
_struct_conn.ptnr1_label_comp_id 
_struct_conn.ptnr1_label_seq_id 
_struct_conn.ptnr1_label_atom_id 
_struct_conn.pdbx_ptnr1_label_alt_id 
_struct_conn.pdbx_ptnr1_PDB_ins_code 
_struct_conn.pdbx_ptnr1_standard_comp_id 
_struct_conn.ptnr1_symmetry 
_struct_conn.ptnr2_label_asym_id 
_struct_conn.ptnr2_label_comp_id 
_struct_conn.ptnr2_label_seq_id 
_struct_conn.ptnr2_label_atom_id 
_struct_conn.pdbx_ptnr2_label_alt_id 
_struct_conn.pdbx_ptnr2_PDB_ins_code 
_struct_conn.ptnr1_auth_asym_id 
_struct_conn.ptnr1_auth_comp_id 
_struct_conn.ptnr1_auth_seq_id 
_struct_conn.ptnr2_auth_asym_id 
_struct_conn.ptnr2_auth_comp_id 
_struct_conn.ptnr2_auth_seq_id 
_struct_conn.ptnr2_symmetry 
_struct_conn.pdbx_ptnr3_label_atom_id 
_struct_conn.pdbx_ptnr3_label_seq_id 
_struct_conn.pdbx_ptnr3_label_comp_id 
_struct_conn.pdbx_ptnr3_label_asym_id 
_struct_conn.pdbx_ptnr3_label_alt_id 
_struct_conn.pdbx_ptnr3_PDB_ins_code 
_struct_conn.details 
_struct_conn.pdbx_dist_value 
_struct_conn.pdbx_value_order 
_struct_conn.pdbx_role 
hydrog1 hydrog ? ? A DT 2 N3 ? ? ? 1_555 A DA 7 N1 ? ? A DT 2 A DA 7 2_555 ? ? ? ? ? ? WATSON-CRICK ? ? ? 
hydrog2 hydrog ? ? A DT 2 O4 ? ? ? 1_555 A DA 7 N6 ? ? A DT 2 A DA 7 2_555 ? ? ? ? ? ? WATSON-CRICK ? ? ? 
hydrog3 hydrog ? ? A DT 4 N3 ? ? ? 1_555 A DA 5 N1 ? ? A DT 4 A DA 5 2_555 ? ? ? ? ? ? WATSON-CRICK ? ? ? 
hydrog4 hydrog ? ? A DT 4 O4 ? ? ? 1_555 A DA 5 N6 ? ? A DT 4 A DA 5 2_555 ? ? ? ? ? ? WATSON-CRICK ? ? ? 
hydrog5 hydrog ? ? A DA 5 N1 ? ? ? 1_555 A DT 4 N3 ? ? A DA 5 A DT 4 2_555 ? ? ? ? ? ? WATSON-CRICK ? ? ? 
hydrog6 hydrog ? ? A DA 5 N6 ? ? ? 1_555 A DT 4 O4 ? ? A DA 5 A DT 4 2_555 ? ? ? ? ? ? WATSON-CRICK ? ? ? 
hydrog7 hydrog ? ? A DA 7 N1 ? ? ? 1_555 A DT 2 N3 ? ? A DA 7 A DT 2 2_555 ? ? ? ? ? ? WATSON-CRICK ? ? ? 
hydrog8 hydrog ? ? A DA 7 N6 ? ? ? 1_555 A DT 2 O4 ? ? A DA 7 A DT 2 2_555 ? ? ? ? ? ? WATSON-CRICK ? ? ? 
# 
_struct_conn_type.id          hydrog 
_struct_conn_type.criteria    ? 
_struct_conn_type.reference   ? 
# 
loop_
_struct_site.id 
_struct_site.pdbx_evidence_code 
_struct_site.pdbx_auth_asym_id 
_struct_site.pdbx_auth_comp_id 
_struct_site.pdbx_auth_seq_id 
_struct_site.pdbx_auth_ins_code 
_struct_site.pdbx_num_residues 
_struct_site.details 
AC1 Software A DMY 45 ? 13 'BINDING SITE FOR RESIDUE DMY A 45' 
1   ?        ? ?   ?  ? ?  ?                                   
# 
loop_
_struct_site_gen.id 
_struct_site_gen.site_id 
_struct_site_gen.pdbx_num_res 
_struct_site_gen.label_comp_id 
_struct_site_gen.label_asym_id 
_struct_site_gen.label_seq_id 
_struct_site_gen.pdbx_auth_ins_code 
_struct_site_gen.auth_comp_id 
_struct_site_gen.auth_asym_id 
_struct_site_gen.auth_seq_id 
_struct_site_gen.label_atom_id 
_struct_site_gen.label_alt_id 
_struct_site_gen.symmetry 
_struct_site_gen.details 
1  AC1 13 DT  A 2 ? DT  A 2  . ? 1_555 ? 
2  AC1 13 DI  A 3 ? DI  A 3  . ? 1_555 ? 
3  AC1 13 DT  A 4 ? DT  A 4  . ? 2_555 ? 
4  AC1 13 DA  A 5 ? DA  A 5  . ? 2_555 ? 
5  AC1 13 DC  A 6 ? DC  A 6  . ? 2_555 ? 
6  AC1 13 DA  A 7 ? DA  A 7  . ? 2_555 ? 
7  AC1 13 DC  A 8 ? DC  A 8  . ? 3_454 ? 
8  AC1 13 DC  A 8 ? DC  A 8  . ? 2_555 ? 
9  AC1 13 HOH C . ? HOH A 10 . ? 1_555 ? 
10 AC1 13 HOH C . ? HOH A 18 . ? 1_555 ? 
11 AC1 13 HOH C . ? HOH A 36 . ? 3_454 ? 
12 AC1 13 HOH C . ? HOH A 37 . ? 2_555 ? 
13 AC1 13 HOH C . ? HOH A 42 . ? 1_555 ? 
# 
loop_
_pdbx_validate_planes.id 
_pdbx_validate_planes.PDB_model_num 
_pdbx_validate_planes.auth_comp_id 
_pdbx_validate_planes.auth_asym_id 
_pdbx_validate_planes.auth_seq_id 
_pdbx_validate_planes.PDB_ins_code 
_pdbx_validate_planes.label_alt_id 
_pdbx_validate_planes.rmsd 
_pdbx_validate_planes.type 
1 1 DI A 3 ? ? 0.064 'SIDE CHAIN' 
2 1 DA A 5 ? ? 0.068 'SIDE CHAIN' 
# 
_struct_site_keywords.site_id   1 
_struct_site_keywords.text      'MINOR GROOVE BINDER' 
# 
loop_
_chem_comp_atom.comp_id 
_chem_comp_atom.atom_id 
_chem_comp_atom.type_symbol 
_chem_comp_atom.pdbx_aromatic_flag 
_chem_comp_atom.pdbx_stereo_config 
_chem_comp_atom.pdbx_ordinal 
DA  OP3    O N N 1   
DA  P      P N N 2   
DA  OP1    O N N 3   
DA  OP2    O N N 4   
DA  "O5'"  O N N 5   
DA  "C5'"  C N N 6   
DA  "C4'"  C N R 7   
DA  "O4'"  O N N 8   
DA  "C3'"  C N S 9   
DA  "O3'"  O N N 10  
DA  "C2'"  C N N 11  
DA  "C1'"  C N R 12  
DA  N9     N Y N 13  
DA  C8     C Y N 14  
DA  N7     N Y N 15  
DA  C5     C Y N 16  
DA  C6     C Y N 17  
DA  N6     N N N 18  
DA  N1     N Y N 19  
DA  C2     C Y N 20  
DA  N3     N Y N 21  
DA  C4     C Y N 22  
DA  HOP3   H N N 23  
DA  HOP2   H N N 24  
DA  "H5'"  H N N 25  
DA  "H5''" H N N 26  
DA  "H4'"  H N N 27  
DA  "H3'"  H N N 28  
DA  "HO3'" H N N 29  
DA  "H2'"  H N N 30  
DA  "H2''" H N N 31  
DA  "H1'"  H N N 32  
DA  H8     H N N 33  
DA  H61    H N N 34  
DA  H62    H N N 35  
DA  H2     H N N 36  
DC  OP3    O N N 37  
DC  P      P N N 38  
DC  OP1    O N N 39  
DC  OP2    O N N 40  
DC  "O5'"  O N N 41  
DC  "C5'"  C N N 42  
DC  "C4'"  C N R 43  
DC  "O4'"  O N N 44  
DC  "C3'"  C N S 45  
DC  "O3'"  O N N 46  
DC  "C2'"  C N N 47  
DC  "C1'"  C N R 48  
DC  N1     N N N 49  
DC  C2     C N N 50  
DC  O2     O N N 51  
DC  N3     N N N 52  
DC  C4     C N N 53  
DC  N4     N N N 54  
DC  C5     C N N 55  
DC  C6     C N N 56  
DC  HOP3   H N N 57  
DC  HOP2   H N N 58  
DC  "H5'"  H N N 59  
DC  "H5''" H N N 60  
DC  "H4'"  H N N 61  
DC  "H3'"  H N N 62  
DC  "HO3'" H N N 63  
DC  "H2'"  H N N 64  
DC  "H2''" H N N 65  
DC  "H1'"  H N N 66  
DC  H41    H N N 67  
DC  H42    H N N 68  
DC  H5     H N N 69  
DC  H6     H N N 70  
DI  OP3    O N N 71  
DI  P      P N N 72  
DI  OP1    O N N 73  
DI  OP2    O N N 74  
DI  "O5'"  O N N 75  
DI  "C5'"  C N N 76  
DI  "C4'"  C N R 77  
DI  "O4'"  O N N 78  
DI  "C3'"  C N S 79  
DI  "O3'"  O N N 80  
DI  "C2'"  C N N 81  
DI  "C1'"  C N R 82  
DI  N9     N Y N 83  
DI  C8     C Y N 84  
DI  N7     N Y N 85  
DI  C5     C Y N 86  
DI  C6     C N N 87  
DI  O6     O N N 88  
DI  N1     N N N 89  
DI  C2     C N N 90  
DI  N3     N N N 91  
DI  C4     C Y N 92  
DI  HOP3   H N N 93  
DI  HOP2   H N N 94  
DI  "H5'"  H N N 95  
DI  "H5''" H N N 96  
DI  "H4'"  H N N 97  
DI  "H3'"  H N N 98  
DI  "HO3'" H N N 99  
DI  "H2'"  H N N 100 
DI  "H2''" H N N 101 
DI  "H1'"  H N N 102 
DI  H8     H N N 103 
DI  H1     H N N 104 
DI  H2     H N N 105 
DMY C1     C N N 106 
DMY O1     O N N 107 
DMY N1     N N N 108 
DMY C2     C Y N 109 
DMY C3     C Y N 110 
DMY C4     C Y N 111 
DMY N2     N Y N 112 
DMY C5     C Y N 113 
DMY C6     C N N 114 
DMY C7     C N N 115 
DMY O2     O N N 116 
DMY N3     N N N 117 
DMY C8     C Y N 118 
DMY C9     C Y N 119 
DMY C10    C Y N 120 
DMY N4     N Y N 121 
DMY C11    C Y N 122 
DMY C12    C N N 123 
DMY C13    C N N 124 
DMY O3     O N N 125 
DMY N5     N N N 126 
DMY C14    C Y N 127 
DMY C15    C Y N 128 
DMY C16    C Y N 129 
DMY N6     N Y N 130 
DMY C17    C Y N 131 
DMY C18    C N N 132 
DMY C19    C N N 133 
DMY O4     O N N 134 
DMY N7     N N N 135 
DMY C20    C N N 136 
DMY C21    C N N 137 
DMY C22    C N N 138 
DMY N8     N N N 139 
DMY N9     N N N 140 
DMY H1     H N N 141 
DMY HN1    H N N 142 
DMY H3     H N N 143 
DMY H5     H N N 144 
DMY H61    H N N 145 
DMY H62    H N N 146 
DMY H63    H N N 147 
DMY HN3    H N N 148 
DMY H9     H N N 149 
DMY H11    H N N 150 
DMY H121   H N N 151 
DMY H122   H N N 152 
DMY H123   H N N 153 
DMY HN5    H N N 154 
DMY H15    H N N 155 
DMY H17    H N N 156 
DMY H181   H N N 157 
DMY H182   H N N 158 
DMY H183   H N N 159 
DMY HN7    H N N 160 
DMY H201   H N N 161 
DMY H202   H N N 162 
DMY H211   H N N 163 
DMY H212   H N N 164 
DMY HN8    H N N 165 
DMY HN91   H N N 166 
DMY HN92   H N N 167 
DT  OP3    O N N 168 
DT  P      P N N 169 
DT  OP1    O N N 170 
DT  OP2    O N N 171 
DT  "O5'"  O N N 172 
DT  "C5'"  C N N 173 
DT  "C4'"  C N R 174 
DT  "O4'"  O N N 175 
DT  "C3'"  C N S 176 
DT  "O3'"  O N N 177 
DT  "C2'"  C N N 178 
DT  "C1'"  C N R 179 
DT  N1     N N N 180 
DT  C2     C N N 181 
DT  O2     O N N 182 
DT  N3     N N N 183 
DT  C4     C N N 184 
DT  O4     O N N 185 
DT  C5     C N N 186 
DT  C7     C N N 187 
DT  C6     C N N 188 
DT  HOP3   H N N 189 
DT  HOP2   H N N 190 
DT  "H5'"  H N N 191 
DT  "H5''" H N N 192 
DT  "H4'"  H N N 193 
DT  "H3'"  H N N 194 
DT  "HO3'" H N N 195 
DT  "H2'"  H N N 196 
DT  "H2''" H N N 197 
DT  "H1'"  H N N 198 
DT  H3     H N N 199 
DT  H71    H N N 200 
DT  H72    H N N 201 
DT  H73    H N N 202 
DT  H6     H N N 203 
HOH O      O N N 204 
HOH H1     H N N 205 
HOH H2     H N N 206 
# 
loop_
_chem_comp_bond.comp_id 
_chem_comp_bond.atom_id_1 
_chem_comp_bond.atom_id_2 
_chem_comp_bond.value_order 
_chem_comp_bond.pdbx_aromatic_flag 
_chem_comp_bond.pdbx_stereo_config 
_chem_comp_bond.pdbx_ordinal 
DA  OP3   P      sing N N 1   
DA  OP3   HOP3   sing N N 2   
DA  P     OP1    doub N N 3   
DA  P     OP2    sing N N 4   
DA  P     "O5'"  sing N N 5   
DA  OP2   HOP2   sing N N 6   
DA  "O5'" "C5'"  sing N N 7   
DA  "C5'" "C4'"  sing N N 8   
DA  "C5'" "H5'"  sing N N 9   
DA  "C5'" "H5''" sing N N 10  
DA  "C4'" "O4'"  sing N N 11  
DA  "C4'" "C3'"  sing N N 12  
DA  "C4'" "H4'"  sing N N 13  
DA  "O4'" "C1'"  sing N N 14  
DA  "C3'" "O3'"  sing N N 15  
DA  "C3'" "C2'"  sing N N 16  
DA  "C3'" "H3'"  sing N N 17  
DA  "O3'" "HO3'" sing N N 18  
DA  "C2'" "C1'"  sing N N 19  
DA  "C2'" "H2'"  sing N N 20  
DA  "C2'" "H2''" sing N N 21  
DA  "C1'" N9     sing N N 22  
DA  "C1'" "H1'"  sing N N 23  
DA  N9    C8     sing Y N 24  
DA  N9    C4     sing Y N 25  
DA  C8    N7     doub Y N 26  
DA  C8    H8     sing N N 27  
DA  N7    C5     sing Y N 28  
DA  C5    C6     sing Y N 29  
DA  C5    C4     doub Y N 30  
DA  C6    N6     sing N N 31  
DA  C6    N1     doub Y N 32  
DA  N6    H61    sing N N 33  
DA  N6    H62    sing N N 34  
DA  N1    C2     sing Y N 35  
DA  C2    N3     doub Y N 36  
DA  C2    H2     sing N N 37  
DA  N3    C4     sing Y N 38  
DC  OP3   P      sing N N 39  
DC  OP3   HOP3   sing N N 40  
DC  P     OP1    doub N N 41  
DC  P     OP2    sing N N 42  
DC  P     "O5'"  sing N N 43  
DC  OP2   HOP2   sing N N 44  
DC  "O5'" "C5'"  sing N N 45  
DC  "C5'" "C4'"  sing N N 46  
DC  "C5'" "H5'"  sing N N 47  
DC  "C5'" "H5''" sing N N 48  
DC  "C4'" "O4'"  sing N N 49  
DC  "C4'" "C3'"  sing N N 50  
DC  "C4'" "H4'"  sing N N 51  
DC  "O4'" "C1'"  sing N N 52  
DC  "C3'" "O3'"  sing N N 53  
DC  "C3'" "C2'"  sing N N 54  
DC  "C3'" "H3'"  sing N N 55  
DC  "O3'" "HO3'" sing N N 56  
DC  "C2'" "C1'"  sing N N 57  
DC  "C2'" "H2'"  sing N N 58  
DC  "C2'" "H2''" sing N N 59  
DC  "C1'" N1     sing N N 60  
DC  "C1'" "H1'"  sing N N 61  
DC  N1    C2     sing N N 62  
DC  N1    C6     sing N N 63  
DC  C2    O2     doub N N 64  
DC  C2    N3     sing N N 65  
DC  N3    C4     doub N N 66  
DC  C4    N4     sing N N 67  
DC  C4    C5     sing N N 68  
DC  N4    H41    sing N N 69  
DC  N4    H42    sing N N 70  
DC  C5    C6     doub N N 71  
DC  C5    H5     sing N N 72  
DC  C6    H6     sing N N 73  
DI  OP3   P      sing N N 74  
DI  OP3   HOP3   sing N N 75  
DI  P     OP1    doub N N 76  
DI  P     OP2    sing N N 77  
DI  P     "O5'"  sing N N 78  
DI  OP2   HOP2   sing N N 79  
DI  "O5'" "C5'"  sing N N 80  
DI  "C5'" "C4'"  sing N N 81  
DI  "C5'" "H5'"  sing N N 82  
DI  "C5'" "H5''" sing N N 83  
DI  "C4'" "O4'"  sing N N 84  
DI  "C4'" "C3'"  sing N N 85  
DI  "C4'" "H4'"  sing N N 86  
DI  "O4'" "C1'"  sing N N 87  
DI  "C3'" "O3'"  sing N N 88  
DI  "C3'" "C2'"  sing N N 89  
DI  "C3'" "H3'"  sing N N 90  
DI  "O3'" "HO3'" sing N N 91  
DI  "C2'" "C1'"  sing N N 92  
DI  "C2'" "H2'"  sing N N 93  
DI  "C2'" "H2''" sing N N 94  
DI  "C1'" N9     sing N N 95  
DI  "C1'" "H1'"  sing N N 96  
DI  N9    C8     sing Y N 97  
DI  N9    C4     sing Y N 98  
DI  C8    N7     doub Y N 99  
DI  C8    H8     sing N N 100 
DI  N7    C5     sing Y N 101 
DI  C5    C6     sing N N 102 
DI  C5    C4     doub Y N 103 
DI  C6    O6     doub N N 104 
DI  C6    N1     sing N N 105 
DI  N1    C2     sing N N 106 
DI  N1    H1     sing N N 107 
DI  C2    N3     doub N N 108 
DI  C2    H2     sing N N 109 
DI  N3    C4     sing N N 110 
DMY C1    O1     doub N N 111 
DMY C1    N1     sing N N 112 
DMY C1    H1     sing N N 113 
DMY N1    C2     sing N N 114 
DMY N1    HN1    sing N N 115 
DMY C2    C3     sing Y N 116 
DMY C2    C5     doub Y N 117 
DMY C3    C4     doub Y N 118 
DMY C3    H3     sing N N 119 
DMY C4    N2     sing Y N 120 
DMY C4    C7     sing N N 121 
DMY N2    C5     sing Y N 122 
DMY N2    C6     sing N N 123 
DMY C5    H5     sing N N 124 
DMY C6    H61    sing N N 125 
DMY C6    H62    sing N N 126 
DMY C6    H63    sing N N 127 
DMY C7    O2     doub N N 128 
DMY C7    N3     sing N N 129 
DMY N3    C8     sing N N 130 
DMY N3    HN3    sing N N 131 
DMY C8    C9     sing Y N 132 
DMY C8    C11    doub Y N 133 
DMY C9    C10    doub Y N 134 
DMY C9    H9     sing N N 135 
DMY C10   N4     sing Y N 136 
DMY C10   C13    sing N N 137 
DMY N4    C11    sing Y N 138 
DMY N4    C12    sing N N 139 
DMY C11   H11    sing N N 140 
DMY C12   H121   sing N N 141 
DMY C12   H122   sing N N 142 
DMY C12   H123   sing N N 143 
DMY C13   O3     doub N N 144 
DMY C13   N5     sing N N 145 
DMY N5    C14    sing N N 146 
DMY N5    HN5    sing N N 147 
DMY C14   C15    sing Y N 148 
DMY C14   C17    doub Y N 149 
DMY C15   C16    doub Y N 150 
DMY C15   H15    sing N N 151 
DMY C16   N6     sing Y N 152 
DMY C16   C19    sing N N 153 
DMY N6    C17    sing Y N 154 
DMY N6    C18    sing N N 155 
DMY C17   H17    sing N N 156 
DMY C18   H181   sing N N 157 
DMY C18   H182   sing N N 158 
DMY C18   H183   sing N N 159 
DMY C19   O4     doub N N 160 
DMY C19   N7     sing N N 161 
DMY N7    C20    sing N N 162 
DMY N7    HN7    sing N N 163 
DMY C20   C21    sing N N 164 
DMY C20   H201   sing N N 165 
DMY C20   H202   sing N N 166 
DMY C21   C22    sing N N 167 
DMY C21   H211   sing N N 168 
DMY C21   H212   sing N N 169 
DMY C22   N8     doub N N 170 
DMY C22   N9     sing N N 171 
DMY N8    HN8    sing N N 172 
DMY N9    HN91   sing N N 173 
DMY N9    HN92   sing N N 174 
DT  OP3   P      sing N N 175 
DT  OP3   HOP3   sing N N 176 
DT  P     OP1    doub N N 177 
DT  P     OP2    sing N N 178 
DT  P     "O5'"  sing N N 179 
DT  OP2   HOP2   sing N N 180 
DT  "O5'" "C5'"  sing N N 181 
DT  "C5'" "C4'"  sing N N 182 
DT  "C5'" "H5'"  sing N N 183 
DT  "C5'" "H5''" sing N N 184 
DT  "C4'" "O4'"  sing N N 185 
DT  "C4'" "C3'"  sing N N 186 
DT  "C4'" "H4'"  sing N N 187 
DT  "O4'" "C1'"  sing N N 188 
DT  "C3'" "O3'"  sing N N 189 
DT  "C3'" "C2'"  sing N N 190 
DT  "C3'" "H3'"  sing N N 191 
DT  "O3'" "HO3'" sing N N 192 
DT  "C2'" "C1'"  sing N N 193 
DT  "C2'" "H2'"  sing N N 194 
DT  "C2'" "H2''" sing N N 195 
DT  "C1'" N1     sing N N 196 
DT  "C1'" "H1'"  sing N N 197 
DT  N1    C2     sing N N 198 
DT  N1    C6     sing N N 199 
DT  C2    O2     doub N N 200 
DT  C2    N3     sing N N 201 
DT  N3    C4     sing N N 202 
DT  N3    H3     sing N N 203 
DT  C4    O4     doub N N 204 
DT  C4    C5     sing N N 205 
DT  C5    C7     sing N N 206 
DT  C5    C6     doub N N 207 
DT  C7    H71    sing N N 208 
DT  C7    H72    sing N N 209 
DT  C7    H73    sing N N 210 
DT  C6    H6     sing N N 211 
HOH O     H1     sing N N 212 
HOH O     H2     sing N N 213 
# 
_ndb_struct_conf_na.entry_id   1JUX 
_ndb_struct_conf_na.feature    'double helix' 
# 
loop_
_ndb_struct_na_base_pair.model_number 
_ndb_struct_na_base_pair.i_label_asym_id 
_ndb_struct_na_base_pair.i_label_comp_id 
_ndb_struct_na_base_pair.i_label_seq_id 
_ndb_struct_na_base_pair.i_symmetry 
_ndb_struct_na_base_pair.j_label_asym_id 
_ndb_struct_na_base_pair.j_label_comp_id 
_ndb_struct_na_base_pair.j_label_seq_id 
_ndb_struct_na_base_pair.j_symmetry 
_ndb_struct_na_base_pair.shear 
_ndb_struct_na_base_pair.stretch 
_ndb_struct_na_base_pair.stagger 
_ndb_struct_na_base_pair.buckle 
_ndb_struct_na_base_pair.propeller 
_ndb_struct_na_base_pair.opening 
_ndb_struct_na_base_pair.pair_number 
_ndb_struct_na_base_pair.pair_name 
_ndb_struct_na_base_pair.i_auth_asym_id 
_ndb_struct_na_base_pair.i_auth_seq_id 
_ndb_struct_na_base_pair.i_PDB_ins_code 
_ndb_struct_na_base_pair.j_auth_asym_id 
_ndb_struct_na_base_pair.j_auth_seq_id 
_ndb_struct_na_base_pair.j_PDB_ins_code 
_ndb_struct_na_base_pair.hbond_type_28 
_ndb_struct_na_base_pair.hbond_type_12 
1 A DT 2 1_555 A DA 7 2_555 0.065  -0.144 -0.039 2.540  -5.610  4.810  1 A_DT2:DA7_A A 2 ? A 7 ? 20 1 
1 A DT 4 1_555 A DA 5 2_555 0.047  -0.127 0.048  1.901  -14.770 -3.163 2 A_DT4:DA5_A A 4 ? A 5 ? 20 1 
1 A DA 5 1_555 A DT 4 2_555 -0.047 -0.127 0.048  -1.902 -14.770 -3.163 3 A_DA5:DT4_A A 5 ? A 4 ? 20 1 
1 A DA 7 1_555 A DT 2 2_555 -0.065 -0.144 -0.039 -2.540 -5.610  4.810  4 A_DA7:DT2_A A 7 ? A 2 ? 20 1 
# 
loop_
_ndb_struct_na_base_pair_step.model_number 
_ndb_struct_na_base_pair_step.i_label_asym_id_1 
_ndb_struct_na_base_pair_step.i_label_comp_id_1 
_ndb_struct_na_base_pair_step.i_label_seq_id_1 
_ndb_struct_na_base_pair_step.i_symmetry_1 
_ndb_struct_na_base_pair_step.j_label_asym_id_1 
_ndb_struct_na_base_pair_step.j_label_comp_id_1 
_ndb_struct_na_base_pair_step.j_label_seq_id_1 
_ndb_struct_na_base_pair_step.j_symmetry_1 
_ndb_struct_na_base_pair_step.i_label_asym_id_2 
_ndb_struct_na_base_pair_step.i_label_comp_id_2 
_ndb_struct_na_base_pair_step.i_label_seq_id_2 
_ndb_struct_na_base_pair_step.i_symmetry_2 
_ndb_struct_na_base_pair_step.j_label_asym_id_2 
_ndb_struct_na_base_pair_step.j_label_comp_id_2 
_ndb_struct_na_base_pair_step.j_label_seq_id_2 
_ndb_struct_na_base_pair_step.j_symmetry_2 
_ndb_struct_na_base_pair_step.shift 
_ndb_struct_na_base_pair_step.slide 
_ndb_struct_na_base_pair_step.rise 
_ndb_struct_na_base_pair_step.tilt 
_ndb_struct_na_base_pair_step.roll 
_ndb_struct_na_base_pair_step.twist 
_ndb_struct_na_base_pair_step.x_displacement 
_ndb_struct_na_base_pair_step.y_displacement 
_ndb_struct_na_base_pair_step.helical_rise 
_ndb_struct_na_base_pair_step.inclination 
_ndb_struct_na_base_pair_step.tip 
_ndb_struct_na_base_pair_step.helical_twist 
_ndb_struct_na_base_pair_step.step_number 
_ndb_struct_na_base_pair_step.step_name 
_ndb_struct_na_base_pair_step.i_auth_asym_id_1 
_ndb_struct_na_base_pair_step.i_auth_seq_id_1 
_ndb_struct_na_base_pair_step.i_PDB_ins_code_1 
_ndb_struct_na_base_pair_step.j_auth_asym_id_1 
_ndb_struct_na_base_pair_step.j_auth_seq_id_1 
_ndb_struct_na_base_pair_step.j_PDB_ins_code_1 
_ndb_struct_na_base_pair_step.i_auth_asym_id_2 
_ndb_struct_na_base_pair_step.i_auth_seq_id_2 
_ndb_struct_na_base_pair_step.i_PDB_ins_code_2 
_ndb_struct_na_base_pair_step.j_auth_asym_id_2 
_ndb_struct_na_base_pair_step.j_auth_seq_id_2 
_ndb_struct_na_base_pair_step.j_PDB_ins_code_2 
1 A DT 2 1_555 A DA 7 2_555 A DT 4 1_555 A DA 5 2_555 -1.846 1.458 6.730 -4.109 12.663  68.572 0.314 1.303  6.963 11.133  3.612  
69.697 1 AA_DT2DT4:DA5DA7_AA A 2 ? A 7 ? A 4 ? A 5 ? 
1 A DT 4 1_555 A DA 5 2_555 A DA 5 1_555 A DT 4 2_555 0.000  3.154 3.362 0.000  -10.287 48.726 4.455 0.000  2.685 -12.310 0.000  
49.735 2 AA_DT4DA5:DT4DA5_AA A 4 ? A 5 ? A 5 ? A 4 ? 
1 A DA 5 1_555 A DT 4 2_555 A DA 7 1_555 A DT 2 2_555 1.846  1.458 6.730 4.109  12.663  68.572 0.314 -1.303 6.963 11.133  -3.612 
69.697 3 AA_DA5DA7:DT2DT4_AA A 5 ? A 4 ? A 7 ? A 2 ? 
# 
_atom_sites.entry_id                    1JUX 
_atom_sites.fract_transf_matrix[1][1]   0.00416802 
_atom_sites.fract_transf_matrix[1][2]   -0.00183893 
_atom_sites.fract_transf_matrix[1][3]   0.03607850 
_atom_sites.fract_transf_matrix[2][1]   -0.00669985 
_atom_sites.fract_transf_matrix[2][2]   -0.03933451 
_atom_sites.fract_transf_matrix[2][3]   -0.00123088 
_atom_sites.fract_transf_matrix[3][1]   0.03735402 
_atom_sites.fract_transf_matrix[3][2]   -0.00697465 
_atom_sites.fract_transf_matrix[3][3]   0.01956153 
_atom_sites.fract_transf_vector[1]      -0.054247 
_atom_sites.fract_transf_vector[2]      -0.000374 
_atom_sites.fract_transf_vector[3]      -0.055527 
# 
loop_
_atom_type.symbol 
C 
N 
O 
P 
# 
loop_
_atom_site.group_PDB 
_atom_site.id 
_atom_site.type_symbol 
_atom_site.label_atom_id 
_atom_site.label_alt_id 
_atom_site.label_comp_id 
_atom_site.label_asym_id 
_atom_site.label_entity_id 
_atom_site.label_seq_id 
_atom_site.pdbx_PDB_ins_code 
_atom_site.Cartn_x 
_atom_site.Cartn_y 
_atom_site.Cartn_z 
_atom_site.occupancy 
_atom_site.B_iso_or_equiv 
_atom_site.pdbx_formal_charge 
_atom_site.auth_seq_id 
_atom_site.auth_comp_id 
_atom_site.auth_asym_id 
_atom_site.auth_atom_id 
_atom_site.pdbx_PDB_model_num 
ATOM   1   O "O5'" . DI  A 1 1 ? -15.782 -6.106 6.664   1.00 32.83 ? 1  DI  A "O5'" 1 
ATOM   2   C "C5'" . DI  A 1 1 ? -14.639 -6.915 6.397   1.00 19.95 ? 1  DI  A "C5'" 1 
ATOM   3   C "C4'" . DI  A 1 1 ? -14.123 -6.721 4.992   1.00 17.39 ? 1  DI  A "C4'" 1 
ATOM   4   O "O4'" . DI  A 1 1 ? -13.950 -5.312 4.707   1.00 16.67 ? 1  DI  A "O4'" 1 
ATOM   5   C "C3'" . DI  A 1 1 ? -12.772 -7.367 4.693   1.00 15.34 ? 1  DI  A "C3'" 1 
ATOM   6   O "O3'" . DI  A 1 1 ? -12.842 -7.828 3.342   1.00 13.50 ? 1  DI  A "O3'" 1 
ATOM   7   C "C2'" . DI  A 1 1 ? -11.792 -6.213 4.849   1.00 14.77 ? 1  DI  A "C2'" 1 
ATOM   8   C "C1'" . DI  A 1 1 ? -12.606 -5.031 4.349   1.00 16.46 ? 1  DI  A "C1'" 1 
ATOM   9   N N9    . DI  A 1 1 ? -12.266 -3.749 4.957   1.00 15.37 ? 1  DI  A N9    1 
ATOM   10  C C8    . DI  A 1 1 ? -12.133 -3.485 6.301   1.00 15.45 ? 1  DI  A C8    1 
ATOM   11  N N7    . DI  A 1 1 ? -11.881 -2.231 6.556   1.00 15.06 ? 1  DI  A N7    1 
ATOM   12  C C5    . DI  A 1 1 ? -11.823 -1.632 5.309   1.00 13.29 ? 1  DI  A C5    1 
ATOM   13  C C6    . DI  A 1 1 ? -11.581 -0.299 4.969   1.00 12.10 ? 1  DI  A C6    1 
ATOM   14  O O6    . DI  A 1 1 ? -11.359 0.649  5.730   1.00 13.66 ? 1  DI  A O6    1 
ATOM   15  N N1    . DI  A 1 1 ? -11.613 -0.108 3.589   1.00 12.38 ? 1  DI  A N1    1 
ATOM   16  C C2    . DI  A 1 1 ? -11.844 -1.084 2.657   1.00 12.50 ? 1  DI  A C2    1 
ATOM   17  N N3    . DI  A 1 1 ? -12.066 -2.358 2.965   1.00 12.34 ? 1  DI  A N3    1 
ATOM   18  C C4    . DI  A 1 1 ? -12.045 -2.556 4.305   1.00 13.64 ? 1  DI  A C4    1 
ATOM   19  P P     . DT  A 1 2 ? -11.668 -8.729 2.723   1.00 13.46 ? 2  DT  A P     1 
ATOM   20  O OP1   . DT  A 1 2 ? -12.317 -9.575 1.705   1.00 15.73 ? 2  DT  A OP1   1 
ATOM   21  O OP2   . DT  A 1 2 ? -10.893 -9.379 3.810   1.00 13.37 ? 2  DT  A OP2   1 
ATOM   22  O "O5'" . DT  A 1 2 ? -10.702 -7.671 2.027   1.00 12.97 ? 2  DT  A "O5'" 1 
ATOM   23  C "C5'" . DT  A 1 2 ? -11.168 -6.854 0.959   1.00 13.33 ? 2  DT  A "C5'" 1 
ATOM   24  C "C4'" . DT  A 1 2 ? -10.070 -5.919 0.504   1.00 10.38 ? 2  DT  A "C4'" 1 
ATOM   25  O "O4'" . DT  A 1 2 ? -9.945  -4.811 1.424   1.00 9.83  ? 2  DT  A "O4'" 1 
ATOM   26  C "C3'" . DT  A 1 2 ? -8.670  -6.524 0.385   1.00 10.72 ? 2  DT  A "C3'" 1 
ATOM   27  O "O3'" . DT  A 1 2 ? -8.067  -5.986 -0.790  1.00 12.39 ? 2  DT  A "O3'" 1 
ATOM   28  C "C2'" . DT  A 1 2 ? -7.936  -5.957 1.592   1.00 10.72 ? 2  DT  A "C2'" 1 
ATOM   29  C "C1'" . DT  A 1 2 ? -8.575  -4.591 1.664   1.00 10.56 ? 2  DT  A "C1'" 1 
ATOM   30  N N1    . DT  A 1 2 ? -8.481  -3.828 2.901   1.00 12.48 ? 2  DT  A N1    1 
ATOM   31  C C2    . DT  A 1 2 ? -8.393  -2.468 2.754   1.00 12.22 ? 2  DT  A C2    1 
ATOM   32  O O2    . DT  A 1 2 ? -8.352  -1.914 1.670   1.00 12.09 ? 2  DT  A O2    1 
ATOM   33  N N3    . DT  A 1 2 ? -8.347  -1.774 3.918   1.00 11.19 ? 2  DT  A N3    1 
ATOM   34  C C4    . DT  A 1 2 ? -8.346  -2.284 5.196   1.00 11.28 ? 2  DT  A C4    1 
ATOM   35  O O4    . DT  A 1 2 ? -8.268  -1.519 6.148   1.00 12.84 ? 2  DT  A O4    1 
ATOM   36  C C5    . DT  A 1 2 ? -8.437  -3.719 5.288   1.00 8.68  ? 2  DT  A C5    1 
ATOM   37  C C7    . DT  A 1 2 ? -8.441  -4.367 6.635   1.00 13.54 ? 2  DT  A C7    1 
ATOM   38  C C6    . DT  A 1 2 ? -8.503  -4.415 4.149   1.00 10.73 ? 2  DT  A C6    1 
ATOM   39  P P     . DI  A 1 3 ? -7.437  -6.959 -1.885  1.00 12.87 ? 3  DI  A P     1 
ATOM   40  O OP1   . DI  A 1 3 ? -8.508  -7.657 -2.633  1.00 15.43 ? 3  DI  A OP1   1 
ATOM   41  O OP2   . DI  A 1 3 ? -6.364  -7.759 -1.243  1.00 15.20 ? 3  DI  A OP2   1 
ATOM   42  O "O5'" . DI  A 1 3 ? -6.705  -5.913 -2.837  1.00 10.85 ? 3  DI  A "O5'" 1 
ATOM   43  C "C5'" . DI  A 1 3 ? -7.457  -4.987 -3.625  1.00 11.87 ? 3  DI  A "C5'" 1 
ATOM   44  C "C4'" . DI  A 1 3 ? -6.564  -3.867 -4.107  1.00 11.36 ? 3  DI  A "C4'" 1 
ATOM   45  O "O4'" . DI  A 1 3 ? -6.311  -2.906 -3.053  1.00 11.66 ? 3  DI  A "O4'" 1 
ATOM   46  C "C3'" . DI  A 1 3 ? -5.190  -4.305 -4.608  1.00 10.71 ? 3  DI  A "C3'" 1 
ATOM   47  O "O3'" . DI  A 1 3 ? -4.876  -3.486 -5.735  1.00 12.54 ? 3  DI  A "O3'" 1 
ATOM   48  C "C2'" . DI  A 1 3 ? -4.272  -4.070 -3.414  1.00 11.11 ? 3  DI  A "C2'" 1 
ATOM   49  C "C1'" . DI  A 1 3 ? -4.923  -2.902 -2.684  1.00 11.42 ? 3  DI  A "C1'" 1 
ATOM   50  N N9    . DI  A 1 3 ? -4.907  -3.001 -1.229  1.00 10.40 ? 3  DI  A N9    1 
ATOM   51  C C8    . DI  A 1 3 ? -5.193  -4.119 -0.479  1.00 10.89 ? 3  DI  A C8    1 
ATOM   52  N N7    . DI  A 1 3 ? -5.276  -3.863 0.799   1.00 12.67 ? 3  DI  A N7    1 
ATOM   53  C C5    . DI  A 1 3 ? -4.990  -2.508 0.896   1.00 9.61  ? 3  DI  A C5    1 
ATOM   54  C C6    . DI  A 1 3 ? -4.948  -1.651 2.036   1.00 11.10 ? 3  DI  A C6    1 
ATOM   55  O O6    . DI  A 1 3 ? -5.181  -1.923 3.207   1.00 12.04 ? 3  DI  A O6    1 
ATOM   56  N N1    . DI  A 1 3 ? -4.599  -0.355 1.689   1.00 10.64 ? 3  DI  A N1    1 
ATOM   57  C C2    . DI  A 1 3 ? -4.333  0.069  0.416   1.00 11.72 ? 3  DI  A C2    1 
ATOM   58  N N3    . DI  A 1 3 ? -4.380  -0.710 -0.652  1.00 9.16  ? 3  DI  A N3    1 
ATOM   59  C C4    . DI  A 1 3 ? -4.718  -1.976 -0.338  1.00 9.00  ? 3  DI  A C4    1 
ATOM   60  P P     . DT  A 1 4 ? -3.488  -3.673 -6.519  1.00 12.26 ? 4  DT  A P     1 
ATOM   61  O OP1   . DT  A 1 4 ? -3.746  -3.166 -7.889  1.00 12.97 ? 4  DT  A OP1   1 
ATOM   62  O OP2   . DT  A 1 4 ? -2.897  -5.041 -6.296  1.00 13.12 ? 4  DT  A OP2   1 
ATOM   63  O "O5'" . DT  A 1 4 ? -2.540  -2.635 -5.776  1.00 11.20 ? 4  DT  A "O5'" 1 
ATOM   64  C "C5'" . DT  A 1 4 ? -2.823  -1.240 -5.832  1.00 10.61 ? 4  DT  A "C5'" 1 
ATOM   65  C "C4'" . DT  A 1 4 ? -1.740  -0.479 -5.111  1.00 9.73  ? 4  DT  A "C4'" 1 
ATOM   66  O "O4'" . DT  A 1 4 ? -1.871  -0.692 -3.691  1.00 9.70  ? 4  DT  A "O4'" 1 
ATOM   67  C "C3'" . DT  A 1 4 ? -0.325  -0.934 -5.479  1.00 9.88  ? 4  DT  A "C3'" 1 
ATOM   68  O "O3'" . DT  A 1 4 ? 0.495   0.214  -5.654  1.00 8.00  ? 4  DT  A "O3'" 1 
ATOM   69  C "C2'" . DT  A 1 4 ? 0.140   -1.686 -4.250  1.00 9.25  ? 4  DT  A "C2'" 1 
ATOM   70  C "C1'" . DT  A 1 4 ? -0.588  -0.926 -3.148  1.00 8.90  ? 4  DT  A "C1'" 1 
ATOM   71  N N1    . DT  A 1 4 ? -0.793  -1.632 -1.885  1.00 10.37 ? 4  DT  A N1    1 
ATOM   72  C C2    . DT  A 1 4 ? -0.858  -0.885 -0.715  1.00 8.45  ? 4  DT  A C2    1 
ATOM   73  O O2    . DT  A 1 4 ? -0.738  0.320  -0.680  1.00 9.85  ? 4  DT  A O2    1 
ATOM   74  N N3    . DT  A 1 4 ? -1.112  -1.606 0.412   1.00 10.16 ? 4  DT  A N3    1 
ATOM   75  C C4    . DT  A 1 4 ? -1.330  -2.960 0.490   1.00 10.23 ? 4  DT  A C4    1 
ATOM   76  O O4    . DT  A 1 4 ? -1.584  -3.471 1.562   1.00 12.73 ? 4  DT  A O4    1 
ATOM   77  C C5    . DT  A 1 4 ? -1.240  -3.677 -0.769  1.00 11.13 ? 4  DT  A C5    1 
ATOM   78  C C7    . DT  A 1 4 ? -1.473  -5.149 -0.782  1.00 11.92 ? 4  DT  A C7    1 
ATOM   79  C C6    . DT  A 1 4 ? -0.964  -2.989 -1.872  1.00 9.40  ? 4  DT  A C6    1 
ATOM   80  P P     . DA  A 1 5 ? 0.820   0.742  -7.143  1.00 11.58 ? 5  DA  A P     1 
ATOM   81  O OP1   . DA  A 1 5 ? -0.485  0.914  -7.828  1.00 11.15 ? 5  DA  A OP1   1 
ATOM   82  O OP2   . DA  A 1 5 ? 1.849   -0.138 -7.733  1.00 14.42 ? 5  DA  A OP2   1 
ATOM   83  O "O5'" . DA  A 1 5 ? 1.469   2.164  -6.834  1.00 12.88 ? 5  DA  A "O5'" 1 
ATOM   84  C "C5'" . DA  A 1 5 ? 0.677   3.228  -6.331  1.00 13.53 ? 5  DA  A "C5'" 1 
ATOM   85  C "C4'" . DA  A 1 5 ? 1.424   3.945  -5.231  1.00 11.51 ? 5  DA  A "C4'" 1 
ATOM   86  O "O4'" . DA  A 1 5 ? 1.575   3.079  -4.073  1.00 11.33 ? 5  DA  A "O4'" 1 
ATOM   87  C "C3'" . DA  A 1 5 ? 2.822   4.438  -5.586  1.00 11.16 ? 5  DA  A "C3'" 1 
ATOM   88  O "O3'" . DA  A 1 5 ? 2.968   5.705  -4.945  1.00 12.81 ? 5  DA  A "O3'" 1 
ATOM   89  C "C2'" . DA  A 1 5 ? 3.740   3.378  -4.977  1.00 12.07 ? 5  DA  A "C2'" 1 
ATOM   90  C "C1'" . DA  A 1 5 ? 2.958   2.911  -3.751  1.00 11.08 ? 5  DA  A "C1'" 1 
ATOM   91  N N9    . DA  A 1 5 ? 3.127   1.502  -3.395  1.00 11.26 ? 5  DA  A N9    1 
ATOM   92  C C8    . DA  A 1 5 ? 3.424   0.436  -4.231  1.00 9.32  ? 5  DA  A C8    1 
ATOM   93  N N7    . DA  A 1 5 ? 3.351   -0.737 -3.630  1.00 10.20 ? 5  DA  A N7    1 
ATOM   94  C C5    . DA  A 1 5 ? 3.012   -0.421 -2.322  1.00 10.13 ? 5  DA  A C5    1 
ATOM   95  C C6    . DA  A 1 5 ? 2.762   -1.227 -1.197  1.00 9.47  ? 5  DA  A C6    1 
ATOM   96  N N6    . DA  A 1 5 ? 2.754   -2.558 -1.240  1.00 11.54 ? 5  DA  A N6    1 
ATOM   97  N N1    . DA  A 1 5 ? 2.494   -0.616 -0.023  1.00 11.10 ? 5  DA  A N1    1 
ATOM   98  C C2    . DA  A 1 5 ? 2.450   0.734  0.003   1.00 11.21 ? 5  DA  A C2    1 
ATOM   99  N N3    . DA  A 1 5 ? 2.638   1.602  -0.994  1.00 9.33  ? 5  DA  A N3    1 
ATOM   100 C C4    . DA  A 1 5 ? 2.915   0.953  -2.150  1.00 9.91  ? 5  DA  A C4    1 
ATOM   101 P P     . DC  A 1 6 ? 4.306   6.557  -5.128  1.00 13.58 ? 6  DC  A P     1 
ATOM   102 O OP1   . DC  A 1 6 ? 3.870   7.946  -4.847  1.00 16.60 ? 6  DC  A OP1   1 
ATOM   103 O OP2   . DC  A 1 6 ? 5.011   6.209  -6.365  1.00 16.22 ? 6  DC  A OP2   1 
ATOM   104 O "O5'" . DC  A 1 6 ? 5.208   6.046  -3.931  1.00 11.49 ? 6  DC  A "O5'" 1 
ATOM   105 C "C5'" . DC  A 1 6 ? 4.827   6.348  -2.618  1.00 11.19 ? 6  DC  A "C5'" 1 
ATOM   106 C "C4'" . DC  A 1 6 ? 5.680   5.581  -1.635  1.00 9.75  ? 6  DC  A "C4'" 1 
ATOM   107 O "O4'" . DC  A 1 6 ? 5.441   4.152  -1.706  1.00 10.05 ? 6  DC  A "O4'" 1 
ATOM   108 C "C3'" . DC  A 1 6 ? 7.187   5.753  -1.771  1.00 9.78  ? 6  DC  A "C3'" 1 
ATOM   109 O "O3'" . DC  A 1 6 ? 7.565   6.673  -0.745  1.00 10.04 ? 6  DC  A "O3'" 1 
ATOM   110 C "C2'" . DC  A 1 6 ? 7.746   4.338  -1.580  1.00 11.14 ? 6  DC  A "C2'" 1 
ATOM   111 C "C1'" . DC  A 1 6 ? 6.547   3.515  -1.108  1.00 10.14 ? 6  DC  A "C1'" 1 
ATOM   112 N N1    . DC  A 1 6 ? 6.530   2.085  -1.537  1.00 9.37  ? 6  DC  A N1    1 
ATOM   113 C C2    . DC  A 1 6 ? 6.279   1.072  -0.586  1.00 11.30 ? 6  DC  A C2    1 
ATOM   114 O O2    . DC  A 1 6 ? 6.039   1.380  0.595   1.00 11.29 ? 6  DC  A O2    1 
ATOM   115 N N3    . DC  A 1 6 ? 6.280   -0.220 -0.986  1.00 10.20 ? 6  DC  A N3    1 
ATOM   116 C C4    . DC  A 1 6 ? 6.479   -0.532 -2.266  1.00 9.74  ? 6  DC  A C4    1 
ATOM   117 N N4    . DC  A 1 6 ? 6.459   -1.821 -2.598  1.00 12.15 ? 6  DC  A N4    1 
ATOM   118 C C5    . DC  A 1 6 ? 6.706   0.469  -3.258  1.00 8.55  ? 6  DC  A C5    1 
ATOM   119 C C6    . DC  A 1 6 ? 6.738   1.758  -2.847  1.00 9.90  ? 6  DC  A C6    1 
ATOM   120 P P     . DA  A 1 7 ? 9.099   7.105  -0.557  1.00 11.33 ? 7  DA  A P     1 
ATOM   121 O OP1   . DA  A 1 7 ? 9.031   8.465  0.076   1.00 13.44 ? 7  DA  A OP1   1 
ATOM   122 O OP2   . DA  A 1 7 ? 9.868   6.906  -1.783  1.00 13.72 ? 7  DA  A OP2   1 
ATOM   123 O "O5'" . DA  A 1 7 ? 9.623   6.074  0.531   1.00 9.71  ? 7  DA  A "O5'" 1 
ATOM   124 C "C5'" . DA  A 1 7 ? 8.901   5.912  1.739   1.00 11.31 ? 7  DA  A "C5'" 1 
ATOM   125 C "C4'" . DA  A 1 7 ? 9.388   4.687  2.467   1.00 11.03 ? 7  DA  A "C4'" 1 
ATOM   126 O "O4'" . DA  A 1 7 ? 9.138   3.531  1.638   1.00 10.45 ? 7  DA  A "O4'" 1 
ATOM   127 C "C3'" . DA  A 1 7 ? 10.886  4.673  2.781   1.00 11.17 ? 7  DA  A "C3'" 1 
ATOM   128 O "O3'" . DA  A 1 7 ? 10.982  4.403  4.181   1.00 12.74 ? 7  DA  A "O3'" 1 
ATOM   129 C "C2'" . DA  A 1 7 ? 11.438  3.569  1.881   1.00 10.58 ? 7  DA  A "C2'" 1 
ATOM   130 C "C1'" . DA  A 1 7 ? 10.240  2.662  1.664   1.00 9.83  ? 7  DA  A "C1'" 1 
ATOM   131 N N9    . DA  A 1 7 ? 10.206  1.906  0.410   1.00 9.27  ? 7  DA  A N9    1 
ATOM   132 C C8    . DA  A 1 7 ? 10.435  2.414  -0.840  1.00 9.27  ? 7  DA  A C8    1 
ATOM   133 N N7    . DA  A 1 7 ? 10.291  1.535  -1.808  1.00 9.99  ? 7  DA  A N7    1 
ATOM   134 C C5    . DA  A 1 7 ? 9.957   0.360  -1.151  1.00 9.18  ? 7  DA  A C5    1 
ATOM   135 C C6    . DA  A 1 7 ? 9.696   -0.933 -1.615  1.00 10.49 ? 7  DA  A C6    1 
ATOM   136 N N6    . DA  A 1 7 ? 9.767   -1.297 -2.899  1.00 10.16 ? 7  DA  A N6    1 
ATOM   137 N N1    . DA  A 1 7 ? 9.378   -1.866 -0.702  1.00 10.90 ? 7  DA  A N1    1 
ATOM   138 C C2    . DA  A 1 7 ? 9.348   -1.533 0.585   1.00 12.47 ? 7  DA  A C2    1 
ATOM   139 N N3    . DA  A 1 7 ? 9.601   -0.350 1.156   1.00 11.82 ? 7  DA  A N3    1 
ATOM   140 C C4    . DA  A 1 7 ? 9.906   0.567  0.220   1.00 10.54 ? 7  DA  A C4    1 
ATOM   141 P P     . DC  A 1 8 ? 12.399  4.514  4.944   1.00 14.35 ? 8  DC  A P     1 
ATOM   142 O OP1   . DC  A 1 8 ? 12.005  4.963  6.283   1.00 16.60 ? 8  DC  A OP1   1 
ATOM   143 O OP2   . DC  A 1 8 ? 13.389  5.290  4.154   1.00 15.33 ? 8  DC  A OP2   1 
ATOM   144 O "O5'" . DC  A 1 8 ? 12.857  3.002  5.023   1.00 12.03 ? 8  DC  A "O5'" 1 
ATOM   145 C "C5'" . DC  A 1 8 ? 12.028  2.077  5.715   1.00 10.82 ? 8  DC  A "C5'" 1 
ATOM   146 C "C4'" . DC  A 1 8 ? 12.476  0.659  5.460   1.00 12.24 ? 8  DC  A "C4'" 1 
ATOM   147 O "O4'" . DC  A 1 8 ? 12.212  0.287  4.098   1.00 12.25 ? 8  DC  A "O4'" 1 
ATOM   148 C "C3'" . DC  A 1 8 ? 13.968  0.415  5.689   1.00 13.94 ? 8  DC  A "C3'" 1 
ATOM   149 O "O3'" . DC  A 1 8 ? 14.058  -0.543 6.728   1.00 13.14 ? 8  DC  A "O3'" 1 
ATOM   150 C "C2'" . DC  A 1 8 ? 14.487  -0.107 4.359   1.00 13.92 ? 8  DC  A "C2'" 1 
ATOM   151 C "C1'" . DC  A 1 8 ? 13.231  -0.602 3.669   1.00 11.68 ? 8  DC  A "C1'" 1 
ATOM   152 N N1    . DC  A 1 8 ? 13.266  -0.521 2.208   1.00 12.45 ? 8  DC  A N1    1 
ATOM   153 C C2    . DC  A 1 8 ? 12.941  -1.653 1.460   1.00 11.51 ? 8  DC  A C2    1 
ATOM   154 O O2    . DC  A 1 8 ? 12.686  -2.718 2.058   1.00 13.22 ? 8  DC  A O2    1 
ATOM   155 N N3    . DC  A 1 8 ? 12.919  -1.565 0.110   1.00 9.75  ? 8  DC  A N3    1 
ATOM   156 C C4    . DC  A 1 8 ? 13.208  -0.405 -0.495  1.00 10.55 ? 8  DC  A C4    1 
ATOM   157 N N4    . DC  A 1 8 ? 13.172  -0.363 -1.836  1.00 9.55  ? 8  DC  A N4    1 
ATOM   158 C C5    . DC  A 1 8 ? 13.552  0.762  0.243   1.00 12.16 ? 8  DC  A C5    1 
ATOM   159 C C6    . DC  A 1 8 ? 13.580  0.656  1.580   1.00 10.06 ? 8  DC  A C6    1 
HETATM 160 C C1    . DMY B 2 . ? 4.968   0.342  6.264   1.00 15.61 ? 45 DMY A C1    1 
HETATM 161 O O1    . DMY B 2 . ? 5.575   0.844  7.217   1.00 15.65 ? 45 DMY A O1    1 
HETATM 162 N N1    . DMY B 2 . ? 4.107   0.946  5.412   1.00 12.45 ? 45 DMY A N1    1 
HETATM 163 C C2    . DMY B 2 . ? 3.743   2.263  5.412   1.00 12.55 ? 45 DMY A C2    1 
HETATM 164 C C3    . DMY B 2 . ? 2.831   2.850  4.533   1.00 10.62 ? 45 DMY A C3    1 
HETATM 165 C C4    . DMY B 2 . ? 2.716   4.217  4.825   1.00 12.80 ? 45 DMY A C4    1 
HETATM 166 N N2    . DMY B 2 . ? 3.551   4.476  5.883   1.00 12.54 ? 45 DMY A N2    1 
HETATM 167 C C5    . DMY B 2 . ? 4.167   3.332  6.254   1.00 13.00 ? 45 DMY A C5    1 
HETATM 168 C C6    . DMY B 2 . ? 3.831   5.788  6.625   1.00 12.94 ? 45 DMY A C6    1 
HETATM 169 C C7    . DMY B 2 . ? 1.886   5.224  4.156   1.00 13.07 ? 45 DMY A C7    1 
HETATM 170 O O2    . DMY B 2 . ? 2.159   6.463  4.215   1.00 13.02 ? 45 DMY A O2    1 
HETATM 171 N N3    . DMY B 2 . ? 0.831   4.707  3.440   1.00 9.54  ? 45 DMY A N3    1 
HETATM 172 C C8    . DMY B 2 . ? 0.053   5.450  2.552   1.00 10.41 ? 45 DMY A C8    1 
HETATM 173 C C9    . DMY B 2 . ? -1.020  5.000  1.778   1.00 10.26 ? 45 DMY A C9    1 
HETATM 174 C C10   . DMY B 2 . ? -1.527  6.048  1.000   1.00 9.94  ? 45 DMY A C10   1 
HETATM 175 N N4    . DMY B 2 . ? -0.799  7.144  1.281   1.00 10.70 ? 45 DMY A N4    1 
HETATM 176 C C11   . DMY B 2 . ? 0.124   6.830  2.175   1.00 11.91 ? 45 DMY A C11   1 
HETATM 177 C C12   . DMY B 2 . ? -0.859  8.576  0.747   1.00 12.38 ? 45 DMY A C12   1 
HETATM 178 C C13   . DMY B 2 . ? -2.601  5.977  0.018   1.00 10.60 ? 45 DMY A C13   1 
HETATM 179 O O3    . DMY B 2 . ? -2.687  6.815  -0.925  1.00 12.10 ? 45 DMY A O3    1 
HETATM 180 N N5    . DMY B 2 . ? -3.409  4.892  0.154   1.00 11.25 ? 45 DMY A N5    1 
HETATM 181 C C14   . DMY B 2 . ? -4.382  4.506  -0.762  1.00 9.78  ? 45 DMY A C14   1 
HETATM 182 C C15   . DMY B 2 . ? -5.246  3.433  -0.655  1.00 11.29 ? 45 DMY A C15   1 
HETATM 183 C C16   . DMY B 2 . ? -6.020  3.359  -1.819  1.00 10.47 ? 45 DMY A C16   1 
HETATM 184 N N6    . DMY B 2 . ? -5.641  4.378  -2.643  1.00 12.11 ? 45 DMY A N6    1 
HETATM 185 C C17   . DMY B 2 . ? -4.690  5.071  -2.047  1.00 11.32 ? 45 DMY A C17   1 
HETATM 186 C C18   . DMY B 2 . ? -6.112  4.786  -4.062  1.00 13.21 ? 45 DMY A C18   1 
HETATM 187 C C19   . DMY B 2 . ? -7.024  2.384  -2.152  1.00 11.55 ? 45 DMY A C19   1 
HETATM 188 O O4    . DMY B 2 . ? -7.268  2.050  -3.321  1.00 13.93 ? 45 DMY A O4    1 
HETATM 189 N N7    . DMY B 2 . ? -7.675  1.822  -1.095  1.00 9.35  ? 45 DMY A N7    1 
HETATM 190 C C20   . DMY B 2 . ? -8.691  0.804  -1.323  1.00 11.34 ? 45 DMY A C20   1 
HETATM 191 C C21   . DMY B 2 . ? -8.063  -0.573 -1.510  1.00 10.70 ? 45 DMY A C21   1 
HETATM 192 C C22   . DMY B 2 . ? -9.113  -1.636 -1.807  1.00 10.65 ? 45 DMY A C22   1 
HETATM 193 N N8    . DMY B 2 . ? -9.481  -1.830 -3.096  1.00 14.61 ? 45 DMY A N8    1 
HETATM 194 N N9    . DMY B 2 . ? -9.646  -2.355 -0.819  1.00 13.36 ? 45 DMY A N9    1 
HETATM 195 O O     . HOH C 3 . ? -0.807  -5.424 -4.425  1.00 18.90 ? 9  HOH A O     1 
HETATM 196 O O     . HOH C 3 . ? -6.097  0.063  -4.650  1.00 27.92 ? 10 HOH A O     1 
HETATM 197 O O     . HOH C 3 . ? -11.047 -1.858 9.310   1.00 32.05 ? 11 HOH A O     1 
HETATM 198 O O     . HOH C 3 . ? -12.458 -3.244 0.152   1.00 15.96 ? 12 HOH A O     1 
HETATM 199 O O     . HOH C 3 . ? -8.595  -7.895 4.639   1.00 20.02 ? 13 HOH A O     1 
HETATM 200 O O     . HOH C 3 . ? -4.210  -7.583 -6.415  1.00 22.44 ? 14 HOH A O     1 
HETATM 201 O O     . HOH C 3 . ? 16.163  3.544  -1.830  1.00 36.09 ? 15 HOH A O     1 
HETATM 202 O O     . HOH C 3 . ? 4.491   -2.995 -4.773  1.00 25.50 ? 16 HOH A O     1 
HETATM 203 O O     . HOH C 3 . ? -14.062 -3.964 9.386   1.00 38.51 ? 17 HOH A O     1 
HETATM 204 O O     . HOH C 3 . ? -3.332  9.192  -1.946  1.00 28.49 ? 18 HOH A O     1 
HETATM 205 O O     . HOH C 3 . ? 1.741   -4.751 -5.808  1.00 21.75 ? 19 HOH A O     1 
HETATM 206 O O     . HOH C 3 . ? 5.019   17.014 -5.967  1.00 23.81 ? 20 HOH A O     1 
HETATM 207 O O     . HOH C 3 . ? -0.554  -5.247 -7.634  1.00 21.08 ? 21 HOH A O     1 
HETATM 208 O O     . HOH C 3 . ? -5.052  -5.053 3.391   1.00 19.85 ? 22 HOH A O     1 
HETATM 209 O O     . HOH C 3 . ? -5.954  -1.630 -8.750  1.00 36.21 ? 23 HOH A O     1 
HETATM 210 O O     . HOH C 3 . ? -11.128 -7.111 -2.542  1.00 17.42 ? 24 HOH A O     1 
HETATM 211 O O     . HOH C 3 . ? 12.376  5.104  -1.507  1.00 24.37 ? 25 HOH A O     1 
HETATM 212 O O     . HOH C 3 . ? 13.660  2.460  -2.895  1.00 20.17 ? 26 HOH A O     1 
HETATM 213 O O     . HOH C 3 . ? -3.356  0.722  -8.842  1.00 11.64 ? 27 HOH A O     1 
HETATM 214 O O     . HOH C 3 . ? 10.966  4.181  8.980   1.00 19.79 ? 28 HOH A O     1 
HETATM 215 O O     . HOH C 3 . ? 13.166  -4.602 4.046   1.00 28.53 ? 29 HOH A O     1 
HETATM 216 O O     . HOH C 3 . ? -2.380  -5.729 2.882   1.00 24.78 ? 30 HOH A O     1 
HETATM 217 O O     . HOH C 3 . ? 13.148  -3.471 11.436  1.00 38.96 ? 31 HOH A O     1 
HETATM 218 O O     . HOH C 3 . ? -2.205  -0.429 -11.455 1.00 13.72 ? 32 HOH A O     1 
HETATM 219 O O     . HOH C 3 . ? 0.603   -0.271 -10.306 1.00 12.79 ? 33 HOH A O     1 
HETATM 220 O O     . HOH C 3 . ? 5.129   9.846  -3.082  1.00 29.11 ? 34 HOH A O     1 
HETATM 221 O O     . HOH C 3 . ? 6.378   9.604  -0.840  1.00 33.59 ? 35 HOH A O     1 
HETATM 222 O O     . HOH C 3 . ? 13.716  7.519  6.138   1.00 24.82 ? 36 HOH A O     1 
HETATM 223 O O     . HOH C 3 . ? -4.271  1.595  -6.609  1.00 25.66 ? 37 HOH A O     1 
HETATM 224 O O     . HOH C 3 . ? -1.565  -1.771 -9.014  1.00 13.23 ? 38 HOH A O     1 
HETATM 225 O O     . HOH C 3 . ? 1.832   -2.834 -7.658  1.00 28.50 ? 39 HOH A O     1 
HETATM 226 O O     . HOH C 3 . ? -15.340 -1.816 11.394  1.00 28.19 ? 40 HOH A O     1 
HETATM 227 O O     . HOH C 3 . ? -4.062  -3.859 5.657   1.00 29.41 ? 41 HOH A O     1 
HETATM 228 O O     . HOH C 3 . ? 2.615   8.808  5.124   1.00 27.77 ? 42 HOH A O     1 
HETATM 229 O O     . HOH C 3 . ? 10.597  -2.242 10.961  1.00 35.28 ? 43 HOH A O     1 
HETATM 230 O O     . HOH C 3 . ? -3.665  -2.756 -11.980 1.00 29.23 ? 44 HOH A O     1 
# 
